data_4KT5
#
_entry.id   4KT5
#
_cell.length_a   83.188
_cell.length_b   121.212
_cell.length_c   84.831
_cell.angle_alpha   90.00
_cell.angle_beta   90.00
_cell.angle_gamma   90.00
#
_symmetry.space_group_name_H-M   'C 2 2 21'
#
loop_
_entity.id
_entity.type
_entity.pdbx_description
1 polymer GrlR
2 polymer GrlA
3 non-polymer 'TETRAETHYLENE GLYCOL'
4 water water
#
loop_
_entity_poly.entity_id
_entity_poly.type
_entity_poly.pdbx_seq_one_letter_code
_entity_poly.pdbx_strand_id
1 'polypeptide(L)'
;AAAS(MSE)I(MSE)KDGIYSIIFISNEDSCGEGILIKNGN(MSE)ITGGDIASVYQGVLSEDEDIILHVHRYNYEIPSV
LNIEQDYQLVIPKKVLSNDNNLTLHCHVRGNEKLFVDVYAKFIEPLVIKNTG(MSE)PQVYLK
;
A,B
2 'polypeptide(L)'
;(MSE)ESKNKNGDYVIPDSVKNYDGEPLYILVSLWCKLQEKWISRNDIAEAFGINLRRASFIITYISRRKEKISFRVRYV
SYGNLHYKRLEIFIYDVNLEAVPIESPGTTGPKRKTYRVGNGIVGQSNIWNE(MSE)I(MSE)RRKKES
;
C
#
# COMPACT_ATOMS: atom_id res chain seq x y z
N ALA A 2 15.44 -22.75 -0.34
CA ALA A 2 16.16 -23.08 0.88
C ALA A 2 17.22 -22.02 1.19
N ALA A 3 16.91 -20.74 0.90
CA ALA A 3 17.91 -19.67 0.97
C ALA A 3 17.63 -18.62 2.06
N SER A 4 18.66 -18.16 2.78
CA SER A 4 18.53 -17.16 3.87
C SER A 4 17.84 -15.84 3.46
N ILE A 6 18.43 -12.79 3.41
CA ILE A 6 19.03 -11.81 2.50
C ILE A 6 19.10 -12.31 1.05
N LYS A 8 17.43 -10.52 -2.96
CA LYS A 8 17.51 -9.26 -3.73
C LYS A 8 17.14 -7.94 -3.04
N ASP A 9 18.05 -6.98 -3.12
CA ASP A 9 17.73 -5.60 -2.76
C ASP A 9 16.74 -4.99 -3.77
N GLY A 10 15.82 -4.16 -3.27
CA GLY A 10 14.84 -3.57 -4.13
C GLY A 10 13.49 -3.31 -3.52
N ILE A 11 12.51 -3.17 -4.41
CA ILE A 11 11.16 -2.78 -4.04
C ILE A 11 10.20 -3.94 -4.29
N TYR A 12 9.35 -4.19 -3.30
CA TYR A 12 8.44 -5.33 -3.33
C TYR A 12 7.06 -4.80 -3.13
N SER A 13 6.07 -5.37 -3.81
CA SER A 13 4.69 -5.13 -3.41
C SER A 13 4.32 -6.25 -2.43
N ILE A 14 3.49 -5.97 -1.44
CA ILE A 14 3.07 -7.01 -0.55
C ILE A 14 1.57 -7.01 -0.40
N ILE A 15 1.04 -8.21 -0.18
CA ILE A 15 -0.35 -8.42 0.13
C ILE A 15 -0.29 -9.23 1.40
N PHE A 16 -1.11 -8.90 2.39
CA PHE A 16 -1.11 -9.70 3.60
C PHE A 16 -2.54 -9.93 4.10
N ILE A 17 -2.74 -11.06 4.78
CA ILE A 17 -4.02 -11.44 5.36
C ILE A 17 -3.81 -11.93 6.82
N SER A 18 -4.58 -11.41 7.77
CA SER A 18 -4.37 -11.77 9.17
C SER A 18 -5.06 -13.08 9.46
N ASN A 19 -4.81 -13.62 10.65
CA ASN A 19 -5.47 -14.83 11.10
C ASN A 19 -7.00 -14.71 11.22
N GLU A 20 -7.53 -13.48 11.24
CA GLU A 20 -8.98 -13.27 11.25
C GLU A 20 -9.49 -12.78 9.86
N ASP A 21 -8.64 -12.93 8.86
CA ASP A 21 -8.96 -12.63 7.46
C ASP A 21 -9.09 -11.13 7.14
N SER A 22 -8.60 -10.28 8.04
CA SER A 22 -8.39 -8.87 7.72
C SER A 22 -7.21 -8.73 6.76
N CYS A 23 -7.28 -7.80 5.81
CA CYS A 23 -6.21 -7.69 4.83
C CYS A 23 -5.72 -6.28 4.51
N GLY A 24 -4.63 -6.23 3.75
CA GLY A 24 -4.04 -4.99 3.30
C GLY A 24 -3.04 -5.13 2.15
N GLU A 25 -2.66 -3.98 1.59
CA GLU A 25 -1.74 -3.92 0.44
C GLU A 25 -0.67 -2.95 0.84
N GLY A 26 0.58 -3.20 0.50
CA GLY A 26 1.62 -2.25 0.83
C GLY A 26 2.81 -2.41 -0.08
N ILE A 27 3.85 -1.62 0.16
CA ILE A 27 5.08 -1.82 -0.55
C ILE A 27 6.18 -1.95 0.51
N LEU A 28 7.30 -2.52 0.11
CA LEU A 28 8.38 -2.78 1.02
C LEU A 28 9.72 -2.63 0.35
N ILE A 29 10.67 -1.97 0.99
CA ILE A 29 11.96 -1.78 0.34
C ILE A 29 13.09 -2.40 1.16
N LYS A 30 13.91 -3.20 0.49
CA LYS A 30 15.04 -3.82 1.12
C LYS A 30 16.30 -3.18 0.59
N ASN A 31 17.15 -2.75 1.51
CA ASN A 31 18.32 -1.97 1.21
C ASN A 31 19.44 -2.29 2.18
N GLY A 32 20.31 -3.24 1.83
CA GLY A 32 21.35 -3.68 2.73
C GLY A 32 20.77 -4.46 3.89
N ASN A 33 21.06 -4.01 5.12
CA ASN A 33 20.56 -4.64 6.33
C ASN A 33 19.28 -4.01 6.86
N ILE A 35 14.97 -2.83 6.31
CA ILE A 35 13.68 -3.12 5.71
C ILE A 35 12.75 -1.97 6.02
N THR A 36 12.19 -1.36 5.00
CA THR A 36 11.28 -0.27 5.23
C THR A 36 10.09 -0.39 4.28
N GLY A 37 8.94 0.09 4.72
CA GLY A 37 7.77 0.07 3.89
C GLY A 37 6.55 0.57 4.62
N GLY A 38 5.41 0.56 3.93
CA GLY A 38 4.19 1.00 4.56
C GLY A 38 3.00 0.79 3.69
N ASP A 39 1.82 1.09 4.25
CA ASP A 39 0.58 1.03 3.49
C ASP A 39 -0.26 2.26 3.84
N ILE A 40 -1.57 2.12 3.68
CA ILE A 40 -2.47 3.23 3.80
C ILE A 40 -2.63 3.69 5.25
N ALA A 41 -2.22 2.85 6.20
CA ALA A 41 -2.45 3.14 7.62
C ALA A 41 -1.22 2.97 8.55
N SER A 42 -0.22 2.19 8.12
CA SER A 42 0.94 1.89 8.99
C SER A 42 2.28 1.90 8.28
N VAL A 43 3.37 2.01 9.03
CA VAL A 43 4.72 1.90 8.48
C VAL A 43 5.52 0.83 9.26
N TYR A 44 6.57 0.27 8.65
CA TYR A 44 7.34 -0.77 9.32
C TYR A 44 8.81 -0.71 8.95
N GLN A 45 9.65 -1.04 9.93
CA GLN A 45 11.11 -1.05 9.83
C GLN A 45 11.75 -2.19 10.60
N GLY A 46 12.90 -2.65 10.11
CA GLY A 46 13.63 -3.68 10.81
C GLY A 46 15.08 -3.76 10.39
N VAL A 47 15.89 -4.38 11.24
CA VAL A 47 17.28 -4.61 10.86
C VAL A 47 17.50 -6.10 10.67
N LEU A 48 18.27 -6.43 9.65
CA LEU A 48 18.66 -7.79 9.43
C LEU A 48 19.86 -8.01 10.31
N SER A 49 19.62 -8.65 11.46
CA SER A 49 20.64 -8.89 12.45
C SER A 49 21.72 -9.82 11.90
N GLU A 50 21.38 -10.48 10.79
CA GLU A 50 22.29 -11.32 10.00
C GLU A 50 22.72 -12.61 10.68
N ASP A 51 21.87 -13.10 11.59
CA ASP A 51 22.15 -14.34 12.28
C ASP A 51 20.89 -14.90 12.90
N GLU A 52 19.88 -14.04 13.03
CA GLU A 52 18.64 -14.39 13.74
C GLU A 52 17.37 -14.12 12.97
N ASP A 53 16.28 -14.07 13.72
CA ASP A 53 15.00 -13.66 13.20
C ASP A 53 14.98 -12.15 13.11
N ILE A 54 14.28 -11.64 12.11
CA ILE A 54 14.14 -10.21 11.91
C ILE A 54 13.02 -9.69 12.78
N ILE A 55 13.33 -8.68 13.57
CA ILE A 55 12.29 -8.02 14.32
C ILE A 55 11.79 -6.81 13.53
N LEU A 56 10.50 -6.82 13.19
CA LEU A 56 9.93 -5.73 12.41
C LEU A 56 8.95 -4.90 13.24
N HIS A 57 9.29 -3.62 13.40
CA HIS A 57 8.54 -2.69 14.22
C HIS A 57 7.42 -2.04 13.44
N VAL A 58 6.18 -2.16 13.93
CA VAL A 58 5.01 -1.61 13.22
C VAL A 58 4.31 -0.42 13.93
N HIS A 59 4.21 0.71 13.24
CA HIS A 59 3.60 1.90 13.82
C HIS A 59 2.42 2.42 12.97
N ARG A 60 1.28 2.68 13.60
CA ARG A 60 0.10 3.18 12.91
C ARG A 60 0.11 4.72 12.86
N TYR A 61 -0.07 5.32 11.68
CA TYR A 61 -0.07 6.79 11.55
C TYR A 61 -1.43 7.35 11.21
N ASN A 62 -2.31 6.48 10.73
CA ASN A 62 -3.65 6.86 10.32
C ASN A 62 -4.64 6.25 11.29
N TYR A 63 -5.20 7.06 12.16
CA TYR A 63 -6.08 6.53 13.20
C TYR A 63 -7.53 6.47 12.72
N GLU A 64 -7.79 6.83 11.48
CA GLU A 64 -9.15 6.67 10.98
C GLU A 64 -9.39 5.19 10.61
N ILE A 65 -8.30 4.43 10.48
CA ILE A 65 -8.35 3.04 10.02
C ILE A 65 -7.74 2.11 11.02
N PRO A 66 -8.44 1.03 11.37
CA PRO A 66 -7.91 0.06 12.34
C PRO A 66 -6.72 -0.74 11.80
N SER A 67 -5.78 -1.07 12.69
CA SER A 67 -4.71 -2.02 12.43
C SER A 67 -5.29 -3.34 11.89
N VAL A 68 -4.54 -4.01 11.01
CA VAL A 68 -5.02 -5.28 10.48
C VAL A 68 -5.08 -6.40 11.57
N LEU A 69 -4.31 -6.24 12.64
CA LEU A 69 -4.37 -7.13 13.80
C LEU A 69 -5.17 -6.54 14.98
N ASN A 70 -5.72 -5.33 14.76
CA ASN A 70 -6.55 -4.61 15.74
C ASN A 70 -5.82 -4.28 17.05
N ILE A 71 -4.51 -4.08 16.95
CA ILE A 71 -3.69 -3.66 18.06
C ILE A 71 -3.63 -2.12 18.14
N GLU A 72 -3.85 -1.59 19.34
CA GLU A 72 -3.99 -0.15 19.51
C GLU A 72 -2.71 0.50 20.05
N GLN A 73 -1.54 -0.05 19.75
CA GLN A 73 -0.25 0.57 20.07
C GLN A 73 0.78 0.00 19.14
N ASP A 74 2.03 0.42 19.25
CA ASP A 74 3.09 -0.21 18.46
C ASP A 74 3.32 -1.65 18.90
N TYR A 75 3.54 -2.53 17.92
CA TYR A 75 3.84 -3.95 18.17
C TYR A 75 5.00 -4.36 17.30
N GLN A 76 5.46 -5.60 17.48
CA GLN A 76 6.51 -6.13 16.62
C GLN A 76 6.10 -7.45 15.94
N LEU A 77 6.56 -7.66 14.71
CA LEU A 77 6.32 -8.91 14.00
C LEU A 77 7.63 -9.64 13.93
N VAL A 78 7.55 -10.97 13.96
CA VAL A 78 8.74 -11.78 13.78
C VAL A 78 8.73 -12.37 12.36
N ILE A 79 9.83 -12.11 11.65
CA ILE A 79 9.98 -12.60 10.29
C ILE A 79 11.06 -13.68 10.28
N PRO A 80 10.69 -14.90 9.80
CA PRO A 80 11.56 -16.08 9.87
C PRO A 80 12.85 -15.94 9.07
N LYS A 81 13.89 -16.56 9.62
CA LYS A 81 15.23 -16.53 9.10
C LYS A 81 15.34 -17.04 7.65
N LYS A 82 14.56 -18.07 7.33
CA LYS A 82 14.80 -18.80 6.09
C LYS A 82 14.00 -18.48 4.81
N VAL A 83 12.74 -18.09 4.89
CA VAL A 83 12.03 -17.62 3.67
C VAL A 83 11.86 -18.55 2.44
N LEU A 84 12.65 -19.63 2.34
CA LEU A 84 12.56 -20.61 1.23
C LEU A 84 12.59 -20.20 -0.25
N SER A 85 12.35 -18.93 -0.57
CA SER A 85 12.45 -18.39 -1.96
C SER A 85 11.34 -18.85 -2.92
N ASN A 86 11.55 -18.51 -4.20
CA ASN A 86 10.74 -18.85 -5.38
C ASN A 86 11.08 -17.83 -6.48
N ASP A 87 10.43 -17.94 -7.63
CA ASP A 87 10.68 -17.03 -8.74
C ASP A 87 9.92 -15.71 -8.60
N ASN A 88 10.58 -14.72 -8.02
CA ASN A 88 10.01 -13.37 -7.82
C ASN A 88 8.78 -13.32 -6.89
N ASN A 89 8.49 -14.45 -6.25
CA ASN A 89 7.37 -14.59 -5.31
C ASN A 89 7.84 -15.11 -3.93
N LEU A 90 7.23 -14.59 -2.87
CA LEU A 90 7.53 -15.02 -1.52
C LEU A 90 6.28 -15.11 -0.70
N THR A 91 6.20 -16.15 0.09
CA THR A 91 5.10 -16.29 1.02
C THR A 91 5.64 -16.49 2.41
N LEU A 92 5.21 -15.63 3.31
CA LEU A 92 5.77 -15.58 4.64
C LEU A 92 4.73 -15.66 5.70
N HIS A 93 5.09 -16.40 6.74
CA HIS A 93 4.29 -16.42 7.93
C HIS A 93 5.00 -15.53 8.97
N CYS A 94 4.30 -14.50 9.42
CA CYS A 94 4.88 -13.54 10.36
C CYS A 94 4.00 -13.38 11.57
N HIS A 95 4.46 -13.85 12.72
CA HIS A 95 3.62 -13.66 13.91
C HIS A 95 4.06 -12.44 14.74
N VAL A 96 3.14 -11.98 15.57
CA VAL A 96 3.38 -10.93 16.57
C VAL A 96 4.30 -11.43 17.68
N ARG A 97 5.35 -10.65 17.99
CA ARG A 97 6.28 -10.97 19.08
C ARG A 97 5.57 -11.09 20.44
N GLY A 98 5.74 -12.23 21.10
CA GLY A 98 5.10 -12.48 22.37
C GLY A 98 3.70 -13.04 22.29
N ASN A 99 3.23 -13.32 21.07
CA ASN A 99 1.93 -13.99 20.88
C ASN A 99 1.83 -14.65 19.49
N GLU A 100 2.09 -15.96 19.44
CA GLU A 100 2.15 -16.68 18.16
C GLU A 100 0.78 -16.92 17.49
N LYS A 101 -0.31 -16.92 18.24
CA LYS A 101 -1.63 -17.10 17.63
C LYS A 101 -2.06 -15.90 16.81
N LEU A 102 -1.32 -14.80 16.91
CA LEU A 102 -1.64 -13.59 16.15
C LEU A 102 -0.65 -13.40 15.03
N PHE A 103 -1.13 -13.40 13.78
CA PHE A 103 -0.21 -13.40 12.65
C PHE A 103 -0.79 -12.90 11.35
N VAL A 104 0.12 -12.71 10.43
CA VAL A 104 -0.21 -12.30 9.10
C VAL A 104 0.48 -13.25 8.07
N ASP A 105 -0.20 -13.58 6.97
CA ASP A 105 0.49 -14.26 5.87
C ASP A 105 0.81 -13.22 4.77
N VAL A 106 2.09 -13.09 4.45
CA VAL A 106 2.53 -12.05 3.52
C VAL A 106 2.90 -12.62 2.18
N TYR A 107 2.26 -12.10 1.12
CA TYR A 107 2.57 -12.48 -0.27
C TYR A 107 3.30 -11.34 -0.95
N ALA A 108 4.59 -11.52 -1.16
CA ALA A 108 5.46 -10.45 -1.66
C ALA A 108 5.94 -10.67 -3.08
N LYS A 109 5.88 -9.63 -3.91
CA LYS A 109 6.33 -9.72 -5.29
C LYS A 109 7.40 -8.68 -5.64
N PHE A 110 8.53 -9.13 -6.16
CA PHE A 110 9.62 -8.23 -6.55
C PHE A 110 9.25 -7.33 -7.74
N ILE A 111 9.48 -6.02 -7.61
CA ILE A 111 9.19 -5.10 -8.69
C ILE A 111 10.44 -4.71 -9.49
N GLU A 112 11.50 -4.36 -8.80
CA GLU A 112 12.59 -3.61 -9.41
C GLU A 112 13.82 -3.54 -8.52
N PRO A 113 15.02 -3.63 -9.11
CA PRO A 113 16.22 -3.35 -8.33
C PRO A 113 16.29 -1.89 -7.89
N LEU A 114 17.32 -1.55 -7.11
CA LEU A 114 17.54 -0.19 -6.63
C LEU A 114 18.36 0.57 -7.66
N VAL A 115 18.16 1.89 -7.76
CA VAL A 115 18.82 2.67 -8.81
C VAL A 115 20.31 2.80 -8.53
N ILE A 116 20.67 2.94 -7.25
CA ILE A 116 22.06 2.83 -6.81
C ILE A 116 22.30 1.54 -6.01
N ILE B 6 17.79 20.99 4.76
CA ILE B 6 17.81 19.74 3.99
C ILE B 6 16.82 18.72 4.55
N LYS B 8 14.72 15.54 5.94
CA LYS B 8 15.07 14.52 6.94
C LYS B 8 14.98 13.08 6.43
N ASP B 9 15.97 12.27 6.79
CA ASP B 9 15.89 10.84 6.54
C ASP B 9 14.71 10.24 7.32
N GLY B 10 14.02 9.29 6.72
CA GLY B 10 12.86 8.69 7.37
C GLY B 10 11.76 8.22 6.42
N ILE B 11 10.57 8.00 6.97
CA ILE B 11 9.47 7.48 6.19
C ILE B 11 8.35 8.49 6.14
N TYR B 12 7.88 8.76 4.94
CA TYR B 12 6.87 9.79 4.71
C TYR B 12 5.64 9.19 4.06
N SER B 13 4.45 9.61 4.46
CA SER B 13 3.28 9.30 3.67
C SER B 13 3.03 10.47 2.72
N ILE B 14 2.59 10.15 1.52
CA ILE B 14 2.33 11.18 0.54
C ILE B 14 0.93 11.06 -0.01
N ILE B 15 0.40 12.22 -0.37
CA ILE B 15 -0.88 12.33 -1.05
C ILE B 15 -0.53 13.09 -2.28
N PHE B 16 -1.09 12.68 -3.42
CA PHE B 16 -0.84 13.45 -4.63
C PHE B 16 -2.09 13.62 -5.47
N ILE B 17 -2.18 14.77 -6.12
CA ILE B 17 -3.31 15.04 -7.00
C ILE B 17 -2.85 15.62 -8.30
N SER B 18 -3.33 15.03 -9.40
CA SER B 18 -2.93 15.45 -10.73
C SER B 18 -3.81 16.56 -11.36
N ASN B 19 -3.33 17.09 -12.47
CA ASN B 19 -4.08 18.04 -13.29
C ASN B 19 -5.31 17.45 -13.97
N GLU B 20 -5.39 16.13 -14.01
CA GLU B 20 -6.56 15.48 -14.58
C GLU B 20 -7.46 15.04 -13.42
N ASP B 21 -7.08 15.52 -12.23
CA ASP B 21 -7.81 15.42 -10.94
C ASP B 21 -7.97 14.02 -10.34
N SER B 22 -7.22 13.07 -10.87
CA SER B 22 -7.08 11.78 -10.21
C SER B 22 -6.23 12.01 -8.97
N CYS B 23 -6.50 11.26 -7.91
CA CYS B 23 -5.66 11.38 -6.74
C CYS B 23 -5.26 9.99 -6.24
N GLY B 24 -4.22 9.97 -5.43
CA GLY B 24 -3.74 8.72 -4.88
C GLY B 24 -2.84 8.93 -3.68
N GLU B 25 -2.57 7.84 -2.98
CA GLU B 25 -1.82 7.84 -1.75
C GLU B 25 -0.66 6.85 -1.85
N GLY B 26 0.49 7.20 -1.28
CA GLY B 26 1.64 6.32 -1.31
C GLY B 26 2.57 6.52 -0.12
N ILE B 27 3.68 5.82 -0.14
CA ILE B 27 4.68 6.08 0.88
C ILE B 27 5.95 6.44 0.16
N LEU B 28 6.81 7.12 0.90
CA LEU B 28 8.08 7.57 0.39
C LEU B 28 9.12 7.50 1.49
N ILE B 29 10.30 7.00 1.13
CA ILE B 29 11.39 6.80 2.06
C ILE B 29 12.64 7.50 1.58
N LYS B 30 13.23 8.31 2.45
CA LYS B 30 14.48 8.99 2.15
C LYS B 30 15.59 8.45 3.02
N ASN B 31 16.71 8.13 2.39
CA ASN B 31 17.84 7.51 3.06
C ASN B 31 19.07 8.13 2.43
N GLY B 32 19.52 9.23 3.04
CA GLY B 32 20.57 10.03 2.48
C GLY B 32 20.05 10.75 1.25
N ASN B 33 20.75 10.58 0.14
CA ASN B 33 20.36 11.22 -1.11
C ASN B 33 19.52 10.27 -1.94
N ILE B 35 16.03 8.47 -2.76
CA ILE B 35 14.59 8.59 -2.63
C ILE B 35 13.92 7.39 -3.28
N THR B 36 13.11 6.66 -2.52
CA THR B 36 12.37 5.52 -3.05
C THR B 36 10.98 5.48 -2.42
N GLY B 37 10.01 4.93 -3.14
CA GLY B 37 8.66 4.82 -2.63
C GLY B 37 7.74 4.25 -3.68
N GLY B 38 6.46 4.16 -3.33
CA GLY B 38 5.48 3.65 -4.25
C GLY B 38 4.07 3.72 -3.72
N ASP B 39 3.15 3.26 -4.53
CA ASP B 39 1.75 3.13 -4.20
C ASP B 39 1.20 1.82 -4.77
N ILE B 40 -0.11 1.75 -4.92
CA ILE B 40 -0.80 0.53 -5.29
C ILE B 40 -0.57 0.06 -6.74
N ALA B 41 -0.06 0.95 -7.58
CA ALA B 41 0.05 0.67 -9.00
C ALA B 41 1.42 0.98 -9.62
N SER B 42 2.18 1.86 -8.97
CA SER B 42 3.46 2.29 -9.51
C SER B 42 4.52 2.44 -8.42
N VAL B 43 5.81 2.44 -8.78
CA VAL B 43 6.88 2.74 -7.83
C VAL B 43 7.81 3.80 -8.41
N TYR B 44 8.60 4.43 -7.53
CA TYR B 44 9.51 5.51 -7.95
C TYR B 44 10.88 5.50 -7.29
N GLN B 45 11.88 5.95 -8.04
CA GLN B 45 13.22 6.08 -7.50
C GLN B 45 13.94 7.31 -8.02
N GLY B 46 14.83 7.87 -7.21
CA GLY B 46 15.68 8.95 -7.63
C GLY B 46 16.84 9.18 -6.70
N VAL B 47 17.87 9.86 -7.18
CA VAL B 47 18.97 10.27 -6.32
C VAL B 47 18.99 11.80 -6.23
N LEU B 48 19.29 12.33 -5.04
CA LEU B 48 19.45 13.78 -4.92
C LEU B 48 20.84 14.16 -5.37
N SER B 49 20.96 14.68 -6.58
CA SER B 49 22.24 15.12 -7.10
C SER B 49 22.73 16.33 -6.33
N GLU B 50 21.81 16.96 -5.59
CA GLU B 50 22.10 18.01 -4.62
C GLU B 50 22.68 19.25 -5.28
N ASP B 51 22.31 19.48 -6.53
CA ASP B 51 22.80 20.64 -7.28
C ASP B 51 21.86 21.00 -8.43
N GLU B 52 20.92 20.12 -8.72
CA GLU B 52 20.01 20.31 -9.84
C GLU B 52 18.59 20.17 -9.31
N ASP B 53 17.64 19.95 -10.21
CA ASP B 53 16.35 19.43 -9.79
C ASP B 53 16.43 17.91 -9.81
N ILE B 54 15.65 17.27 -8.96
CA ILE B 54 15.65 15.82 -8.86
C ILE B 54 14.82 15.14 -9.95
N ILE B 55 15.43 14.22 -10.69
CA ILE B 55 14.68 13.40 -11.63
C ILE B 55 14.22 12.09 -10.98
N LEU B 56 12.90 11.89 -10.95
CA LEU B 56 12.29 10.71 -10.36
C LEU B 56 11.65 9.78 -11.40
N HIS B 57 12.14 8.53 -11.48
CA HIS B 57 11.66 7.55 -12.47
C HIS B 57 10.46 6.78 -11.99
N VAL B 58 9.40 6.81 -12.76
CA VAL B 58 8.19 6.16 -12.32
C VAL B 58 7.99 4.93 -13.17
N HIS B 59 7.81 3.79 -12.50
CA HIS B 59 7.65 2.53 -13.19
C HIS B 59 6.30 1.96 -12.82
N ARG B 60 5.53 1.51 -13.80
CA ARG B 60 4.25 0.88 -13.50
C ARG B 60 4.43 -0.63 -13.40
N TYR B 61 3.90 -1.22 -12.32
CA TYR B 61 4.02 -2.66 -12.16
C TYR B 61 2.62 -3.29 -12.25
N ASN B 62 1.59 -2.51 -12.00
CA ASN B 62 0.20 -2.96 -12.12
C ASN B 62 -0.59 -2.14 -13.15
N TYR B 63 -0.78 -2.65 -14.37
CA TYR B 63 -1.45 -1.86 -15.40
C TYR B 63 -2.97 -2.03 -15.34
N GLU B 64 -3.45 -2.82 -14.37
CA GLU B 64 -4.89 -2.98 -14.20
C GLU B 64 -5.46 -1.75 -13.53
N ILE B 65 -4.57 -0.91 -13.01
CA ILE B 65 -4.92 0.34 -12.35
C ILE B 65 -4.27 1.52 -13.08
N PRO B 66 -5.06 2.54 -13.41
CA PRO B 66 -4.48 3.67 -14.17
C PRO B 66 -3.61 4.62 -13.33
N SER B 67 -2.55 5.08 -13.99
CA SER B 67 -1.74 6.19 -13.49
C SER B 67 -2.63 7.39 -13.24
N VAL B 68 -2.28 8.16 -12.21
CA VAL B 68 -3.06 9.35 -11.94
C VAL B 68 -2.84 10.36 -13.07
N LEU B 69 -1.72 10.23 -13.78
CA LEU B 69 -1.50 11.08 -14.95
C LEU B 69 -1.93 10.41 -16.24
N ASN B 70 -2.46 9.19 -16.12
CA ASN B 70 -2.97 8.44 -17.28
C ASN B 70 -1.90 8.22 -18.35
N ILE B 71 -0.65 8.13 -17.90
CA ILE B 71 0.45 7.73 -18.77
C ILE B 71 0.63 6.22 -18.61
N GLU B 72 0.59 5.47 -19.70
CA GLU B 72 0.65 4.02 -19.59
C GLU B 72 1.99 3.43 -20.06
N GLN B 73 3.08 4.13 -19.71
CA GLN B 73 4.43 3.61 -19.78
C GLN B 73 5.23 4.22 -18.63
N ASP B 74 6.49 3.88 -18.57
CA ASP B 74 7.40 4.49 -17.62
C ASP B 74 7.66 5.91 -18.06
N TYR B 75 7.69 6.83 -17.10
CA TYR B 75 7.99 8.23 -17.35
C TYR B 75 8.89 8.83 -16.26
N GLN B 76 9.30 10.07 -16.45
CA GLN B 76 10.12 10.73 -15.44
C GLN B 76 9.41 11.98 -14.91
N LEU B 77 9.57 12.25 -13.61
CA LEU B 77 9.04 13.45 -12.96
C LEU B 77 10.14 14.40 -12.55
N VAL B 78 9.83 15.69 -12.63
CA VAL B 78 10.76 16.69 -12.17
C VAL B 78 10.29 17.26 -10.84
N ILE B 79 11.17 17.19 -9.85
CA ILE B 79 10.96 17.76 -8.53
C ILE B 79 11.98 18.86 -8.28
N PRO B 80 11.53 20.09 -8.03
CA PRO B 80 12.49 21.19 -7.78
C PRO B 80 13.05 21.19 -6.35
N LYS B 81 14.35 21.42 -6.16
CA LYS B 81 14.87 21.43 -4.79
C LYS B 81 14.30 22.57 -3.92
N LYS B 82 14.09 23.74 -4.52
CA LYS B 82 13.75 24.98 -3.80
C LYS B 82 12.80 24.84 -2.62
N VAL B 83 11.81 23.99 -2.80
CA VAL B 83 10.78 23.74 -1.79
C VAL B 83 11.09 22.67 -0.74
N LEU B 84 12.16 21.90 -0.93
CA LEU B 84 12.48 20.87 0.04
C LEU B 84 13.11 21.49 1.27
N SER B 85 12.61 21.09 2.43
CA SER B 85 13.09 21.55 3.72
C SER B 85 13.10 20.43 4.75
N ASN B 86 13.43 20.77 5.99
CA ASN B 86 13.50 19.82 7.07
C ASN B 86 12.25 19.81 7.91
N ASP B 87 11.16 20.29 7.32
CA ASP B 87 9.88 20.36 8.01
C ASP B 87 9.19 19.01 7.96
N ASN B 88 8.18 18.86 8.81
CA ASN B 88 7.43 17.62 8.88
C ASN B 88 6.25 17.62 7.91
N ASN B 89 6.09 18.73 7.20
CA ASN B 89 5.10 18.85 6.15
C ASN B 89 5.79 19.41 4.93
N LEU B 90 5.47 18.85 3.77
CA LEU B 90 6.03 19.34 2.52
C LEU B 90 4.95 19.36 1.47
N THR B 91 4.99 20.39 0.62
CA THR B 91 4.12 20.50 -0.55
C THR B 91 4.92 20.74 -1.82
N LEU B 92 4.68 19.87 -2.81
CA LEU B 92 5.51 19.79 -3.99
C LEU B 92 4.70 19.89 -5.26
N HIS B 93 5.20 20.62 -6.25
CA HIS B 93 4.63 20.60 -7.61
C HIS B 93 5.58 19.85 -8.54
N CYS B 94 5.10 18.74 -9.12
CA CYS B 94 5.98 17.85 -9.90
C CYS B 94 5.43 17.58 -11.28
N HIS B 95 6.08 18.08 -12.31
CA HIS B 95 5.60 17.84 -13.66
C HIS B 95 6.41 16.75 -14.37
N VAL B 96 5.83 16.20 -15.44
CA VAL B 96 6.48 15.26 -16.33
C VAL B 96 7.62 15.91 -17.10
N ARG B 97 8.75 15.24 -17.16
CA ARG B 97 9.86 15.77 -17.91
C ARG B 97 9.45 15.96 -19.34
N GLY B 98 9.64 17.19 -19.83
CA GLY B 98 9.30 17.52 -21.20
C GLY B 98 7.85 17.87 -21.41
N ASN B 99 7.06 17.96 -20.35
CA ASN B 99 5.67 18.37 -20.48
C ASN B 99 5.12 18.97 -19.19
N GLU B 100 5.12 20.31 -19.13
CA GLU B 100 4.67 21.00 -17.93
C GLU B 100 3.17 20.95 -17.77
N LYS B 101 2.43 20.77 -18.86
CA LYS B 101 0.97 20.70 -18.72
C LYS B 101 0.53 19.43 -18.00
N LEU B 102 1.45 18.48 -17.80
CA LEU B 102 1.14 17.26 -17.03
C LEU B 102 1.79 17.23 -15.64
N PHE B 103 0.98 17.23 -14.59
CA PHE B 103 1.57 17.36 -13.26
C PHE B 103 0.76 16.77 -12.13
N VAL B 104 1.45 16.62 -11.02
CA VAL B 104 0.87 16.09 -9.80
C VAL B 104 1.26 17.06 -8.68
N ASP B 105 0.36 17.29 -7.72
CA ASP B 105 0.68 18.05 -6.50
C ASP B 105 0.87 17.09 -5.35
N VAL B 106 2.02 17.10 -4.71
CA VAL B 106 2.30 16.19 -3.60
C VAL B 106 2.34 16.86 -2.22
N TYR B 107 1.60 16.29 -1.27
CA TYR B 107 1.70 16.62 0.15
C TYR B 107 2.36 15.49 0.95
N ALA B 108 3.53 15.75 1.50
CA ALA B 108 4.29 14.75 2.22
C ALA B 108 4.22 15.00 3.73
N LYS B 109 3.92 13.94 4.50
CA LYS B 109 3.90 14.03 5.96
C LYS B 109 4.89 13.05 6.59
N PHE B 110 5.82 13.59 7.40
CA PHE B 110 6.85 12.79 8.10
C PHE B 110 6.27 11.91 9.19
N ILE B 111 6.60 10.63 9.14
CA ILE B 111 6.07 9.69 10.12
C ILE B 111 7.10 9.33 11.21
N GLU B 112 8.35 9.07 10.81
CA GLU B 112 9.27 8.35 11.67
C GLU B 112 10.72 8.47 11.13
N PRO B 113 11.72 8.68 12.00
CA PRO B 113 13.11 8.57 11.49
C PRO B 113 13.51 7.14 11.08
N LEU B 114 14.73 6.95 10.57
CA LEU B 114 15.19 5.61 10.22
C LEU B 114 15.87 4.89 11.39
N VAL B 115 15.78 3.55 11.38
CA VAL B 115 16.27 2.74 12.49
C VAL B 115 17.80 2.68 12.60
N ILE B 116 18.50 2.64 11.48
CA ILE B 116 19.95 2.82 11.53
C ILE B 116 20.27 4.21 10.97
N LYS B 117 20.77 5.09 11.83
CA LYS B 117 21.03 6.50 11.44
C LYS B 117 22.23 6.67 10.47
N ASN B 118 22.91 7.81 10.54
CA ASN B 118 23.98 8.11 9.58
C ASN B 118 25.38 8.24 10.18
N ASP C 9 -19.32 11.12 -6.97
CA ASP C 9 -19.07 10.50 -5.68
C ASP C 9 -19.28 9.00 -5.77
N TYR C 10 -20.55 8.57 -5.73
CA TYR C 10 -20.89 7.17 -5.94
C TYR C 10 -22.37 6.95 -6.24
N VAL C 11 -22.68 5.85 -6.91
CA VAL C 11 -24.08 5.50 -7.21
C VAL C 11 -24.53 4.30 -6.40
N ILE C 12 -25.81 4.27 -6.09
CA ILE C 12 -26.37 3.20 -5.28
C ILE C 12 -27.22 2.28 -6.14
N PRO C 13 -26.74 1.05 -6.35
CA PRO C 13 -27.46 0.04 -7.13
C PRO C 13 -28.92 -0.06 -6.73
N ASP C 14 -29.79 -0.34 -7.70
CA ASP C 14 -31.21 -0.48 -7.43
C ASP C 14 -31.42 -1.61 -6.40
N SER C 15 -30.51 -2.58 -6.41
CA SER C 15 -30.52 -3.72 -5.47
C SER C 15 -30.67 -3.27 -4.01
N VAL C 16 -30.03 -2.14 -3.67
CA VAL C 16 -30.04 -1.63 -2.32
C VAL C 16 -30.40 -0.15 -2.27
N LYS C 17 -31.33 0.28 -3.10
CA LYS C 17 -31.72 1.68 -3.19
C LYS C 17 -32.13 2.25 -1.83
N ASN C 18 -32.84 1.43 -1.04
CA ASN C 18 -33.48 1.89 0.19
C ASN C 18 -32.56 1.95 1.42
N TYR C 19 -31.27 2.18 1.19
CA TYR C 19 -30.30 2.30 2.28
C TYR C 19 -29.48 3.58 2.11
N ASP C 20 -30.05 4.56 1.43
CA ASP C 20 -29.34 5.78 1.03
C ASP C 20 -28.42 6.38 2.11
N GLY C 21 -28.87 6.34 3.36
CA GLY C 21 -28.17 6.99 4.45
C GLY C 21 -26.88 6.36 4.96
N GLU C 22 -26.79 5.03 4.87
CA GLU C 22 -25.63 4.31 5.41
C GLU C 22 -24.32 4.71 4.73
N PRO C 23 -23.20 4.64 5.48
CA PRO C 23 -21.87 4.94 4.94
C PRO C 23 -21.53 4.04 3.76
N LEU C 24 -20.59 4.44 2.90
CA LEU C 24 -20.31 3.68 1.68
C LEU C 24 -20.00 2.21 1.94
N TYR C 25 -19.19 1.94 2.96
CA TYR C 25 -18.70 0.57 3.18
C TYR C 25 -19.83 -0.36 3.64
N ILE C 26 -20.79 0.16 4.39
CA ILE C 26 -21.95 -0.61 4.76
C ILE C 26 -22.75 -0.92 3.50
N LEU C 27 -22.92 0.11 2.67
CA LEU C 27 -23.66 0.00 1.42
C LEU C 27 -23.08 -1.05 0.50
N VAL C 28 -21.76 -1.03 0.35
CA VAL C 28 -21.06 -2.02 -0.45
C VAL C 28 -21.25 -3.43 0.12
N SER C 29 -20.95 -3.60 1.41
CA SER C 29 -21.11 -4.88 2.11
C SER C 29 -22.50 -5.50 1.92
N LEU C 30 -23.53 -4.68 2.09
CA LEU C 30 -24.90 -5.15 1.92
C LEU C 30 -25.14 -5.63 0.50
N TRP C 31 -24.59 -4.90 -0.46
CA TRP C 31 -24.74 -5.27 -1.87
C TRP C 31 -24.04 -6.59 -2.14
N CYS C 32 -22.84 -6.73 -1.57
CA CYS C 32 -22.06 -7.95 -1.69
C CYS C 32 -22.85 -9.14 -1.16
N LYS C 33 -23.39 -8.99 0.04
CA LYS C 33 -24.19 -10.04 0.67
C LYS C 33 -25.30 -10.48 -0.27
N LEU C 34 -25.82 -9.55 -1.05
CA LEU C 34 -26.91 -9.86 -1.97
C LEU C 34 -26.44 -10.59 -3.23
N GLN C 35 -25.13 -10.66 -3.46
CA GLN C 35 -24.63 -11.37 -4.62
C GLN C 35 -24.35 -12.84 -4.28
N GLU C 36 -24.00 -13.09 -3.03
CA GLU C 36 -23.59 -14.42 -2.58
C GLU C 36 -22.56 -15.01 -3.52
N LYS C 37 -21.45 -14.30 -3.67
CA LYS C 37 -20.37 -14.77 -4.53
C LYS C 37 -19.11 -13.99 -4.20
N TRP C 38 -17.97 -14.51 -4.64
CA TRP C 38 -16.70 -13.85 -4.40
C TRP C 38 -16.60 -12.58 -5.24
N ILE C 39 -16.49 -11.46 -4.53
CA ILE C 39 -16.45 -10.13 -5.12
C ILE C 39 -15.01 -9.59 -5.16
N SER C 40 -14.62 -9.03 -6.29
CA SER C 40 -13.30 -8.40 -6.40
C SER C 40 -13.43 -6.87 -6.53
N ARG C 41 -12.29 -6.19 -6.52
CA ARG C 41 -12.18 -4.80 -6.93
C ARG C 41 -13.09 -4.35 -8.10
N ASN C 42 -12.94 -5.00 -9.25
CA ASN C 42 -13.64 -4.61 -10.47
C ASN C 42 -15.17 -4.71 -10.39
N ASP C 43 -15.65 -5.72 -9.66
CA ASP C 43 -17.09 -5.89 -9.44
C ASP C 43 -17.69 -4.70 -8.71
N ILE C 44 -16.92 -4.13 -7.79
CA ILE C 44 -17.39 -3.10 -6.90
C ILE C 44 -17.37 -1.77 -7.61
N ALA C 45 -16.23 -1.46 -8.20
CA ALA C 45 -16.04 -0.21 -8.92
C ALA C 45 -17.10 -0.06 -10.02
N GLU C 46 -17.35 -1.15 -10.73
CA GLU C 46 -18.43 -1.22 -11.70
C GLU C 46 -19.73 -0.70 -11.11
N ALA C 47 -20.16 -1.31 -10.01
CA ALA C 47 -21.51 -1.13 -9.53
C ALA C 47 -21.73 0.13 -8.69
N PHE C 48 -20.65 0.77 -8.28
CA PHE C 48 -20.79 1.97 -7.45
C PHE C 48 -20.21 3.20 -8.14
N GLY C 49 -19.89 3.05 -9.42
CA GLY C 49 -19.31 4.13 -10.19
C GLY C 49 -18.17 4.86 -9.49
N ILE C 50 -17.32 4.12 -8.80
CA ILE C 50 -16.09 4.70 -8.27
C ILE C 50 -14.90 4.09 -8.98
N ASN C 51 -13.75 4.72 -8.85
CA ASN C 51 -12.54 4.22 -9.50
C ASN C 51 -11.90 3.07 -8.71
N LEU C 52 -10.90 2.44 -9.32
CA LEU C 52 -10.36 1.21 -8.79
C LEU C 52 -9.57 1.40 -7.48
N ARG C 53 -8.73 2.43 -7.39
CA ARG C 53 -8.04 2.74 -6.11
C ARG C 53 -9.03 2.73 -4.95
N ARG C 54 -10.08 3.51 -5.10
CA ARG C 54 -11.17 3.54 -4.13
C ARG C 54 -11.76 2.14 -3.86
N ALA C 55 -11.97 1.36 -4.91
CA ALA C 55 -12.59 0.03 -4.75
C ALA C 55 -11.72 -0.90 -3.91
N SER C 56 -10.42 -0.87 -4.15
CA SER C 56 -9.47 -1.64 -3.38
C SER C 56 -9.56 -1.30 -1.91
N PHE C 57 -9.52 0.00 -1.60
CA PHE C 57 -9.46 0.44 -0.22
C PHE C 57 -10.71 0.04 0.55
N ILE C 58 -11.87 0.20 -0.08
CA ILE C 58 -13.13 -0.28 0.47
C ILE C 58 -13.04 -1.73 0.94
N ILE C 59 -12.47 -2.61 0.11
CA ILE C 59 -12.30 -3.99 0.52
C ILE C 59 -11.40 -4.07 1.75
N THR C 60 -10.24 -3.41 1.68
CA THR C 60 -9.32 -3.35 2.80
C THR C 60 -10.03 -2.89 4.07
N TYR C 61 -10.76 -1.79 3.98
CA TYR C 61 -11.39 -1.21 5.17
C TYR C 61 -12.45 -2.14 5.73
N ILE C 62 -13.27 -2.73 4.86
CA ILE C 62 -14.31 -3.65 5.30
C ILE C 62 -13.71 -4.79 6.09
N SER C 63 -12.55 -5.25 5.65
CA SER C 63 -11.94 -6.42 6.27
C SER C 63 -11.43 -6.10 7.67
N ARG C 64 -11.51 -4.84 8.05
CA ARG C 64 -10.99 -4.44 9.35
C ARG C 64 -12.11 -4.06 10.31
N ARG C 65 -13.34 -4.23 9.86
CA ARG C 65 -14.51 -3.91 10.65
C ARG C 65 -15.31 -5.16 11.05
N LYS C 66 -14.62 -6.09 11.70
CA LYS C 66 -15.14 -7.42 11.98
C LYS C 66 -16.34 -7.45 12.94
N GLU C 67 -16.54 -6.35 13.69
CA GLU C 67 -17.65 -6.27 14.64
C GLU C 67 -18.94 -5.95 13.91
N LYS C 68 -18.80 -5.43 12.69
CA LYS C 68 -19.93 -5.05 11.88
C LYS C 68 -20.21 -6.11 10.81
N ILE C 69 -19.16 -6.53 10.11
CA ILE C 69 -19.30 -7.40 8.94
C ILE C 69 -18.71 -8.79 9.17
N SER C 70 -19.48 -9.85 8.91
CA SER C 70 -18.93 -11.19 8.96
C SER C 70 -18.70 -11.70 7.54
N PHE C 71 -17.48 -12.11 7.26
CA PHE C 71 -17.04 -12.37 5.88
C PHE C 71 -15.91 -13.40 5.81
N ARG C 72 -15.52 -13.79 4.60
CA ARG C 72 -14.23 -14.44 4.42
C ARG C 72 -13.43 -13.71 3.33
N VAL C 73 -12.11 -13.88 3.34
CA VAL C 73 -11.25 -13.26 2.34
C VAL C 73 -10.20 -14.24 1.81
N ARG C 74 -10.23 -14.55 0.52
CA ARG C 74 -9.12 -15.30 -0.07
C ARG C 74 -8.32 -14.45 -1.07
N TYR C 75 -7.12 -14.90 -1.40
CA TYR C 75 -6.26 -14.24 -2.38
C TYR C 75 -5.93 -15.26 -3.50
N VAL C 76 -6.48 -15.04 -4.71
CA VAL C 76 -6.65 -16.13 -5.69
C VAL C 76 -6.32 -15.80 -7.16
N SER C 77 -5.78 -16.81 -7.86
CA SER C 77 -5.53 -16.72 -9.30
C SER C 77 -6.79 -16.41 -10.11
N TYR C 78 -6.61 -15.57 -11.12
CA TYR C 78 -7.68 -15.11 -12.00
C TYR C 78 -7.06 -14.95 -13.36
N GLY C 79 -7.83 -15.01 -14.45
CA GLY C 79 -7.26 -14.77 -15.76
C GLY C 79 -6.85 -16.09 -16.35
N ASN C 80 -5.55 -16.35 -16.55
CA ASN C 80 -4.48 -15.41 -16.25
C ASN C 80 -3.45 -15.37 -17.40
N LEU C 81 -2.61 -14.32 -17.58
CA LEU C 81 -2.36 -13.14 -16.72
C LEU C 81 -1.87 -13.51 -15.29
N HIS C 82 -0.87 -14.40 -15.22
CA HIS C 82 -0.46 -15.19 -14.03
C HIS C 82 -0.38 -14.52 -12.63
N TYR C 83 -1.46 -13.90 -12.19
CA TYR C 83 -1.45 -13.10 -10.98
C TYR C 83 -2.56 -13.57 -10.04
N LYS C 84 -2.53 -13.08 -8.79
CA LYS C 84 -3.63 -13.29 -7.85
C LYS C 84 -4.25 -11.95 -7.46
N ARG C 85 -5.53 -11.98 -7.09
CA ARG C 85 -6.24 -10.81 -6.58
C ARG C 85 -7.04 -11.15 -5.31
N LEU C 86 -7.28 -10.15 -4.46
CA LEU C 86 -8.10 -10.33 -3.27
C LEU C 86 -9.57 -10.39 -3.63
N GLU C 87 -10.25 -11.43 -3.15
CA GLU C 87 -11.68 -11.56 -3.34
C GLU C 87 -12.30 -11.65 -1.96
N ILE C 88 -13.56 -11.23 -1.85
CA ILE C 88 -14.25 -11.22 -0.57
C ILE C 88 -15.66 -11.76 -0.74
N PHE C 89 -16.07 -12.53 0.25
CA PHE C 89 -17.41 -13.08 0.32
C PHE C 89 -18.03 -12.63 1.63
N ILE C 90 -19.18 -11.96 1.54
CA ILE C 90 -19.78 -11.39 2.73
C ILE C 90 -21.03 -12.15 3.15
N TYR C 91 -20.88 -12.90 4.25
CA TYR C 91 -21.93 -13.68 4.90
C TYR C 91 -23.16 -12.87 5.24
N ASP C 92 -23.01 -11.91 6.15
CA ASP C 92 -24.06 -10.95 6.47
C ASP C 92 -23.55 -9.71 7.21
N VAL C 93 -24.46 -8.78 7.48
CA VAL C 93 -24.11 -7.47 8.05
C VAL C 93 -25.02 -7.16 9.25
N ASN C 94 -24.42 -6.61 10.30
CA ASN C 94 -25.15 -6.15 11.49
C ASN C 94 -25.34 -4.63 11.53
N LEU C 95 -26.57 -4.19 11.65
CA LEU C 95 -26.86 -2.76 11.65
C LEU C 95 -27.37 -2.22 12.99
N GLU C 96 -27.46 -3.10 14.00
CA GLU C 96 -27.90 -2.66 15.33
C GLU C 96 -26.76 -2.02 16.13
#